data_1JG2
#
_entry.id   1JG2
#
_cell.length_a   38.201
_cell.length_b   52.522
_cell.length_c   96.129
_cell.angle_alpha   90.00
_cell.angle_beta   90.00
_cell.angle_gamma   90.00
#
_symmetry.space_group_name_H-M   'P 21 21 21'
#
loop_
_entity.id
_entity.type
_entity.pdbx_description
1 polymer 'protein-L-isoaspartate O-methyltransferase'
2 non-polymer 'SODIUM ION'
3 non-polymer ADENOSINE
4 water water
#
_entity_poly.entity_id   1
_entity_poly.type   'polypeptide(L)'
_entity_poly.pdbx_seq_one_letter_code
;MHLYSSDFPLMMDEKELYEKWMRTVEMLKAEGIIRSKEVERAFLKYPRYLSVEDKYKKYAHIDEPLPIPAGQTVSAPHMV
AIMLEIANLKPGMNILEVGTGSGWNAALISEIVKTDVYTIERIPELVEFAKRNLERAGVKNVHVILGDGSKGFPPKAPYD
VIIVTAGAPKIPEPLIEQLKIGGKLIIPVGSYHLWQELLEVRKTKDGIKIKNHGGVAFVPLIGEYGWKEHHHHHH
;
_entity_poly.pdbx_strand_id   A
#
loop_
_chem_comp.id
_chem_comp.type
_chem_comp.name
_chem_comp.formula
ADN non-polymer ADENOSINE 'C10 H13 N5 O4'
NA non-polymer 'SODIUM ION' 'Na 1'
#
# COMPACT_ATOMS: atom_id res chain seq x y z
N GLU A 14 5.15 -23.60 7.60
CA GLU A 14 3.97 -23.17 6.78
C GLU A 14 2.75 -22.91 7.65
N LYS A 15 2.07 -23.99 8.04
CA LYS A 15 0.89 -23.86 8.89
C LYS A 15 1.29 -23.19 10.18
N GLU A 16 2.56 -23.35 10.56
CA GLU A 16 3.09 -22.76 11.77
C GLU A 16 3.18 -21.25 11.58
N LEU A 17 3.70 -20.84 10.43
CA LEU A 17 3.83 -19.42 10.11
C LEU A 17 2.44 -18.80 10.04
N TYR A 18 1.49 -19.55 9.49
CA TYR A 18 0.12 -19.05 9.36
C TYR A 18 -0.54 -18.92 10.73
N GLU A 19 -0.24 -19.85 11.63
CA GLU A 19 -0.83 -19.79 12.96
C GLU A 19 -0.37 -18.54 13.70
N LYS A 20 0.90 -18.20 13.54
CA LYS A 20 1.42 -16.99 14.18
C LYS A 20 0.76 -15.78 13.52
N TRP A 21 0.57 -15.87 12.22
CA TRP A 21 -0.08 -14.78 11.48
C TRP A 21 -1.52 -14.61 11.95
N MET A 22 -2.24 -15.70 12.13
CA MET A 22 -3.63 -15.63 12.59
C MET A 22 -3.70 -14.87 13.91
N ARG A 23 -2.73 -15.11 14.79
CA ARG A 23 -2.70 -14.44 16.07
C ARG A 23 -2.50 -12.93 15.87
N THR A 24 -1.66 -12.56 14.91
CA THR A 24 -1.41 -11.16 14.62
C THR A 24 -2.68 -10.48 14.08
N VAL A 25 -3.42 -11.19 13.24
CA VAL A 25 -4.66 -10.63 12.69
C VAL A 25 -5.69 -10.49 13.79
N GLU A 26 -5.76 -11.48 14.69
CA GLU A 26 -6.71 -11.42 15.78
C GLU A 26 -6.38 -10.22 16.67
N MET A 27 -5.09 -10.01 16.91
CA MET A 27 -4.64 -8.89 17.71
C MET A 27 -5.04 -7.57 17.07
N LEU A 28 -4.80 -7.45 15.77
CA LEU A 28 -5.15 -6.22 15.05
C LEU A 28 -6.64 -5.96 15.11
N LYS A 29 -7.43 -7.04 15.06
CA LYS A 29 -8.88 -6.89 15.12
C LYS A 29 -9.30 -6.48 16.53
N ALA A 30 -8.82 -7.23 17.52
CA ALA A 30 -9.15 -6.95 18.91
C ALA A 30 -8.77 -5.54 19.33
N GLU A 31 -7.67 -5.01 18.80
CA GLU A 31 -7.23 -3.68 19.16
C GLU A 31 -7.82 -2.55 18.32
N GLY A 32 -8.79 -2.88 17.47
CA GLY A 32 -9.44 -1.87 16.65
C GLY A 32 -8.67 -1.34 15.45
N ILE A 33 -7.59 -2.02 15.07
CA ILE A 33 -6.80 -1.59 13.92
C ILE A 33 -7.50 -2.07 12.64
N ILE A 34 -7.82 -3.36 12.61
CA ILE A 34 -8.55 -3.95 11.50
C ILE A 34 -9.98 -3.76 11.98
N ARG A 35 -10.77 -3.00 11.21
CA ARG A 35 -12.14 -2.69 11.61
C ARG A 35 -13.23 -3.23 10.70
N SER A 36 -12.85 -3.86 9.59
CA SER A 36 -13.84 -4.37 8.67
C SER A 36 -13.58 -5.82 8.31
N LYS A 37 -14.64 -6.53 7.91
CA LYS A 37 -14.46 -7.92 7.54
C LYS A 37 -13.67 -8.01 6.25
N GLU A 38 -13.78 -6.98 5.40
CA GLU A 38 -13.07 -6.95 4.13
C GLU A 38 -11.55 -6.95 4.33
N VAL A 39 -11.06 -6.08 5.21
CA VAL A 39 -9.63 -6.02 5.47
C VAL A 39 -9.18 -7.27 6.22
N GLU A 40 -10.04 -7.77 7.11
CA GLU A 40 -9.72 -8.97 7.86
C GLU A 40 -9.54 -10.12 6.88
N ARG A 41 -10.46 -10.25 5.93
CA ARG A 41 -10.40 -11.31 4.94
C ARG A 41 -9.16 -11.23 4.06
N ALA A 42 -8.77 -10.02 3.68
CA ALA A 42 -7.60 -9.83 2.84
C ALA A 42 -6.35 -10.29 3.58
N PHE A 43 -6.22 -9.86 4.84
CA PHE A 43 -5.06 -10.23 5.65
C PHE A 43 -4.96 -11.74 5.83
N LEU A 44 -6.09 -12.39 6.04
CA LEU A 44 -6.11 -13.83 6.23
C LEU A 44 -5.79 -14.60 4.97
N LYS A 45 -6.09 -14.01 3.81
CA LYS A 45 -5.83 -14.69 2.55
C LYS A 45 -4.37 -14.55 2.13
N TYR A 46 -3.81 -13.38 2.40
CA TYR A 46 -2.42 -13.13 2.03
C TYR A 46 -1.55 -12.71 3.21
N PRO A 47 -0.96 -13.69 3.90
CA PRO A 47 -0.08 -13.41 5.05
C PRO A 47 1.17 -12.70 4.58
N ARG A 48 1.73 -11.84 5.43
CA ARG A 48 2.92 -11.11 5.03
C ARG A 48 4.14 -11.97 4.73
N TYR A 49 4.22 -13.17 5.30
CA TYR A 49 5.39 -14.01 5.06
C TYR A 49 5.55 -14.39 3.58
N LEU A 50 4.47 -14.31 2.83
CA LEU A 50 4.49 -14.64 1.40
C LEU A 50 5.22 -13.55 0.60
N SER A 51 5.39 -12.38 1.20
CA SER A 51 6.02 -11.26 0.51
C SER A 51 7.43 -10.85 0.93
N VAL A 52 8.02 -11.55 1.88
CA VAL A 52 9.38 -11.20 2.31
C VAL A 52 10.35 -12.34 1.99
N GLU A 53 11.64 -12.01 1.96
CA GLU A 53 12.66 -12.99 1.68
C GLU A 53 12.65 -14.07 2.76
N ASP A 54 13.12 -15.26 2.41
CA ASP A 54 13.14 -16.37 3.36
C ASP A 54 13.69 -16.04 4.74
N LYS A 55 14.79 -15.29 4.79
CA LYS A 55 15.41 -14.95 6.05
C LYS A 55 14.58 -14.08 6.99
N TYR A 56 13.51 -13.48 6.48
CA TYR A 56 12.67 -12.62 7.32
C TYR A 56 11.28 -13.19 7.60
N LYS A 57 10.96 -14.33 6.99
CA LYS A 57 9.65 -14.93 7.18
C LYS A 57 9.36 -15.22 8.66
N LYS A 58 10.40 -15.56 9.42
CA LYS A 58 10.25 -15.86 10.84
C LYS A 58 9.76 -14.66 11.65
N TYR A 59 9.86 -13.46 11.08
CA TYR A 59 9.45 -12.24 11.78
C TYR A 59 8.23 -11.57 11.14
N ALA A 60 7.74 -12.15 10.04
CA ALA A 60 6.61 -11.57 9.32
C ALA A 60 5.37 -11.30 10.14
N HIS A 61 5.16 -12.05 11.22
CA HIS A 61 4.00 -11.88 12.08
C HIS A 61 4.17 -10.75 13.09
N ILE A 62 5.41 -10.35 13.36
CA ILE A 62 5.66 -9.29 14.32
C ILE A 62 5.19 -7.98 13.72
N ASP A 63 4.50 -7.15 14.50
CA ASP A 63 4.00 -5.87 13.99
C ASP A 63 5.13 -4.86 13.95
N GLU A 64 6.01 -5.02 12.96
CA GLU A 64 7.17 -4.16 12.78
C GLU A 64 7.47 -4.14 11.29
N PRO A 65 8.16 -3.09 10.81
CA PRO A 65 8.49 -3.04 9.38
C PRO A 65 9.63 -4.04 9.15
N LEU A 66 9.78 -4.54 7.92
CA LEU A 66 10.84 -5.48 7.61
C LEU A 66 11.54 -5.05 6.35
N PRO A 67 12.81 -5.46 6.19
CA PRO A 67 13.52 -5.07 4.97
C PRO A 67 13.15 -5.94 3.77
N ILE A 68 13.24 -5.33 2.59
CA ILE A 68 13.01 -6.03 1.33
C ILE A 68 14.21 -5.60 0.50
N PRO A 69 14.38 -6.18 -0.69
CA PRO A 69 15.53 -5.79 -1.52
C PRO A 69 15.67 -4.32 -1.89
N ALA A 70 16.84 -3.97 -2.41
CA ALA A 70 17.13 -2.62 -2.87
C ALA A 70 17.03 -1.52 -1.81
N GLY A 71 17.26 -1.89 -0.56
CA GLY A 71 17.23 -0.92 0.53
C GLY A 71 15.87 -0.37 0.93
N GLN A 72 14.81 -1.03 0.49
CA GLN A 72 13.48 -0.57 0.85
C GLN A 72 12.90 -1.42 1.98
N THR A 73 11.64 -1.19 2.33
CA THR A 73 11.03 -1.96 3.42
C THR A 73 9.55 -2.24 3.18
N VAL A 74 9.02 -3.24 3.88
CA VAL A 74 7.61 -3.55 3.81
C VAL A 74 7.11 -3.04 5.16
N SER A 75 6.07 -2.21 5.13
CA SER A 75 5.53 -1.61 6.34
C SER A 75 4.98 -2.59 7.37
N ALA A 76 4.86 -2.11 8.60
CA ALA A 76 4.33 -2.91 9.69
C ALA A 76 2.87 -3.23 9.40
N PRO A 77 2.43 -4.44 9.74
CA PRO A 77 1.05 -4.86 9.51
C PRO A 77 0.02 -3.82 9.96
N HIS A 78 0.21 -3.22 11.13
CA HIS A 78 -0.78 -2.25 11.58
C HIS A 78 -0.88 -1.03 10.66
N MET A 79 0.24 -0.62 10.07
CA MET A 79 0.21 0.54 9.19
C MET A 79 -0.50 0.20 7.87
N VAL A 80 -0.27 -1.00 7.37
CA VAL A 80 -0.92 -1.43 6.14
C VAL A 80 -2.43 -1.49 6.38
N ALA A 81 -2.82 -2.01 7.54
CA ALA A 81 -4.24 -2.12 7.88
C ALA A 81 -4.87 -0.72 7.99
N ILE A 82 -4.21 0.17 8.72
CA ILE A 82 -4.70 1.53 8.90
C ILE A 82 -4.99 2.19 7.57
N MET A 83 -4.05 2.09 6.63
CA MET A 83 -4.22 2.70 5.34
C MET A 83 -5.32 2.07 4.48
N LEU A 84 -5.48 0.76 4.57
CA LEU A 84 -6.55 0.10 3.82
C LEU A 84 -7.91 0.50 4.39
N GLU A 85 -7.99 0.61 5.71
CA GLU A 85 -9.26 0.97 6.33
C GLU A 85 -9.65 2.41 5.97
N ILE A 86 -8.68 3.30 5.92
CA ILE A 86 -8.96 4.68 5.56
C ILE A 86 -9.49 4.70 4.12
N ALA A 87 -8.95 3.81 3.29
CA ALA A 87 -9.36 3.74 1.89
C ALA A 87 -10.83 3.36 1.68
N ASN A 88 -11.42 2.64 2.64
CA ASN A 88 -12.81 2.21 2.56
C ASN A 88 -13.08 1.62 1.16
N LEU A 89 -12.27 0.65 0.80
CA LEU A 89 -12.35 -0.02 -0.49
C LEU A 89 -13.60 -0.88 -0.67
N LYS A 90 -14.09 -0.90 -1.91
CA LYS A 90 -15.27 -1.67 -2.27
C LYS A 90 -14.98 -2.44 -3.55
N PRO A 91 -15.67 -3.58 -3.75
CA PRO A 91 -15.45 -4.37 -4.96
C PRO A 91 -15.71 -3.49 -6.20
N GLY A 92 -14.91 -3.69 -7.25
CA GLY A 92 -15.10 -2.93 -8.46
C GLY A 92 -14.33 -1.62 -8.58
N MET A 93 -13.83 -1.11 -7.47
CA MET A 93 -13.08 0.15 -7.51
C MET A 93 -11.81 0.05 -8.33
N ASN A 94 -11.39 1.19 -8.88
CA ASN A 94 -10.18 1.26 -9.69
C ASN A 94 -9.13 1.91 -8.79
N ILE A 95 -8.20 1.10 -8.33
CA ILE A 95 -7.15 1.54 -7.41
C ILE A 95 -5.75 1.61 -7.99
N LEU A 96 -5.03 2.65 -7.61
CA LEU A 96 -3.64 2.82 -8.02
C LEU A 96 -2.79 2.85 -6.76
N GLU A 97 -1.78 1.99 -6.67
CA GLU A 97 -0.87 2.01 -5.54
C GLU A 97 0.44 2.57 -6.08
N VAL A 98 1.05 3.48 -5.34
CA VAL A 98 2.33 4.05 -5.75
C VAL A 98 3.37 3.52 -4.75
N GLY A 99 4.26 2.66 -5.25
CA GLY A 99 5.28 2.06 -4.40
C GLY A 99 4.95 0.59 -4.13
N THR A 100 5.12 -0.26 -5.13
CA THR A 100 4.80 -1.68 -4.99
C THR A 100 5.61 -2.41 -3.91
N GLY A 101 6.92 -2.18 -3.91
CA GLY A 101 7.76 -2.84 -2.94
C GLY A 101 7.71 -4.36 -3.10
N SER A 102 7.21 -5.05 -2.08
CA SER A 102 7.12 -6.50 -2.06
C SER A 102 5.88 -7.05 -2.76
N GLY A 103 4.91 -6.17 -2.99
CA GLY A 103 3.66 -6.56 -3.63
C GLY A 103 2.59 -6.97 -2.65
N TRP A 104 2.93 -7.01 -1.36
CA TRP A 104 1.97 -7.42 -0.34
C TRP A 104 0.71 -6.56 -0.32
N ASN A 105 0.87 -5.24 -0.21
CA ASN A 105 -0.27 -4.34 -0.17
C ASN A 105 -1.14 -4.46 -1.41
N ALA A 106 -0.51 -4.59 -2.58
CA ALA A 106 -1.26 -4.71 -3.83
C ALA A 106 -2.12 -5.97 -3.80
N ALA A 107 -1.56 -7.07 -3.31
CA ALA A 107 -2.30 -8.32 -3.22
C ALA A 107 -3.53 -8.13 -2.34
N LEU A 108 -3.32 -7.49 -1.19
CA LEU A 108 -4.41 -7.25 -0.26
C LEU A 108 -5.50 -6.42 -0.94
N ILE A 109 -5.10 -5.34 -1.61
CA ILE A 109 -6.07 -4.50 -2.30
C ILE A 109 -6.87 -5.31 -3.31
N SER A 110 -6.18 -6.13 -4.09
CA SER A 110 -6.85 -6.94 -5.12
C SER A 110 -7.90 -7.88 -4.52
N GLU A 111 -7.61 -8.44 -3.35
CA GLU A 111 -8.56 -9.35 -2.72
C GLU A 111 -9.83 -8.62 -2.33
N ILE A 112 -9.70 -7.34 -2.03
CA ILE A 112 -10.85 -6.52 -1.62
C ILE A 112 -11.67 -5.99 -2.80
N VAL A 113 -11.00 -5.47 -3.83
CA VAL A 113 -11.72 -4.91 -4.97
C VAL A 113 -12.14 -5.88 -6.08
N LYS A 114 -11.65 -7.12 -6.01
CA LYS A 114 -12.05 -8.15 -6.97
C LYS A 114 -11.87 -7.77 -8.44
N THR A 115 -10.89 -6.93 -8.74
CA THR A 115 -10.66 -6.54 -10.12
C THR A 115 -9.20 -6.14 -10.30
N ASP A 116 -8.89 -5.61 -11.48
CA ASP A 116 -7.53 -5.19 -11.78
C ASP A 116 -7.03 -4.08 -10.87
N VAL A 117 -5.83 -4.26 -10.36
CA VAL A 117 -5.20 -3.28 -9.48
C VAL A 117 -3.90 -2.86 -10.14
N TYR A 118 -3.65 -1.56 -10.16
CA TYR A 118 -2.44 -1.05 -10.77
C TYR A 118 -1.48 -0.55 -9.70
N THR A 119 -0.24 -1.01 -9.76
CA THR A 119 0.77 -0.61 -8.80
C THR A 119 2.07 -0.26 -9.51
N ILE A 120 2.67 0.85 -9.10
CA ILE A 120 3.90 1.35 -9.70
C ILE A 120 5.10 1.26 -8.78
N GLU A 121 6.24 0.84 -9.34
CA GLU A 121 7.48 0.70 -8.59
C GLU A 121 8.63 1.25 -9.45
N ARG A 122 9.48 2.10 -8.88
CA ARG A 122 10.57 2.69 -9.65
C ARG A 122 11.84 1.86 -9.75
N ILE A 123 12.00 0.89 -8.85
CA ILE A 123 13.20 0.06 -8.86
C ILE A 123 12.97 -1.26 -9.61
N PRO A 124 13.71 -1.49 -10.69
CA PRO A 124 13.55 -2.72 -11.47
C PRO A 124 13.62 -4.00 -10.65
N GLU A 125 14.60 -4.08 -9.74
CA GLU A 125 14.76 -5.26 -8.90
C GLU A 125 13.50 -5.58 -8.10
N LEU A 126 12.82 -4.54 -7.62
CA LEU A 126 11.61 -4.76 -6.84
C LEU A 126 10.41 -5.07 -7.73
N VAL A 127 10.40 -4.58 -8.96
CA VAL A 127 9.31 -4.89 -9.87
C VAL A 127 9.35 -6.40 -10.06
N GLU A 128 10.55 -6.94 -10.26
CA GLU A 128 10.74 -8.38 -10.44
C GLU A 128 10.38 -9.13 -9.17
N PHE A 129 10.87 -8.64 -8.04
CA PHE A 129 10.61 -9.26 -6.74
C PHE A 129 9.10 -9.36 -6.48
N ALA A 130 8.39 -8.25 -6.67
CA ALA A 130 6.95 -8.23 -6.47
C ALA A 130 6.23 -9.19 -7.41
N LYS A 131 6.56 -9.12 -8.71
CA LYS A 131 5.94 -10.00 -9.69
C LYS A 131 6.12 -11.47 -9.30
N ARG A 132 7.31 -11.83 -8.84
CA ARG A 132 7.56 -13.21 -8.45
C ARG A 132 6.71 -13.59 -7.25
N ASN A 133 6.64 -12.70 -6.26
CA ASN A 133 5.84 -12.98 -5.07
C ASN A 133 4.37 -13.16 -5.41
N LEU A 134 3.87 -12.28 -6.27
CA LEU A 134 2.49 -12.31 -6.70
C LEU A 134 2.18 -13.59 -7.46
N GLU A 135 3.05 -13.94 -8.41
CA GLU A 135 2.84 -15.15 -9.18
C GLU A 135 2.86 -16.39 -8.28
N ARG A 136 3.82 -16.43 -7.36
CA ARG A 136 3.93 -17.57 -6.44
C ARG A 136 2.69 -17.72 -5.58
N ALA A 137 2.05 -16.60 -5.22
CA ALA A 137 0.85 -16.61 -4.40
C ALA A 137 -0.43 -16.80 -5.21
N GLY A 138 -0.29 -16.94 -6.52
CA GLY A 138 -1.45 -17.16 -7.38
C GLY A 138 -2.28 -15.93 -7.71
N VAL A 139 -1.72 -14.75 -7.49
CA VAL A 139 -2.43 -13.51 -7.77
C VAL A 139 -2.34 -13.23 -9.27
N LYS A 140 -3.45 -12.79 -9.87
CA LYS A 140 -3.48 -12.52 -11.30
C LYS A 140 -3.97 -11.11 -11.60
N ASN A 141 -4.77 -10.53 -10.71
CA ASN A 141 -5.32 -9.19 -10.92
C ASN A 141 -4.41 -8.02 -10.60
N VAL A 142 -3.23 -8.28 -10.05
CA VAL A 142 -2.31 -7.19 -9.73
C VAL A 142 -1.37 -6.96 -10.91
N HIS A 143 -1.29 -5.71 -11.33
CA HIS A 143 -0.44 -5.34 -12.47
C HIS A 143 0.65 -4.38 -12.00
N VAL A 144 1.88 -4.89 -12.03
CA VAL A 144 3.03 -4.12 -11.58
C VAL A 144 3.67 -3.41 -12.77
N ILE A 145 3.82 -2.10 -12.64
CA ILE A 145 4.40 -1.27 -13.70
C ILE A 145 5.68 -0.61 -13.23
N LEU A 146 6.72 -0.65 -14.05
CA LEU A 146 7.99 -0.01 -13.72
C LEU A 146 7.89 1.46 -14.12
N GLY A 147 8.11 2.35 -13.17
CA GLY A 147 8.04 3.77 -13.48
C GLY A 147 8.04 4.69 -12.29
N ASP A 148 7.87 5.97 -12.56
CA ASP A 148 7.83 7.01 -11.55
C ASP A 148 6.37 7.29 -11.21
N GLY A 149 5.91 6.67 -10.12
CA GLY A 149 4.53 6.81 -9.69
C GLY A 149 4.11 8.17 -9.14
N SER A 150 5.05 9.09 -8.94
CA SER A 150 4.69 10.41 -8.47
C SER A 150 3.95 11.12 -9.61
N LYS A 151 4.01 10.51 -10.80
CA LYS A 151 3.34 11.03 -11.99
C LYS A 151 2.04 10.24 -12.17
N GLY A 152 1.74 9.38 -11.21
CA GLY A 152 0.52 8.58 -11.29
C GLY A 152 0.65 7.57 -12.41
N PHE A 153 -0.48 7.25 -13.04
CA PHE A 153 -0.53 6.31 -14.14
C PHE A 153 -1.75 6.67 -15.00
N PRO A 154 -1.58 7.66 -15.88
CA PRO A 154 -2.62 8.16 -16.79
C PRO A 154 -3.45 7.12 -17.57
N PRO A 155 -2.80 6.08 -18.11
CA PRO A 155 -3.52 5.07 -18.88
C PRO A 155 -4.81 4.51 -18.26
N LYS A 156 -4.81 4.33 -16.94
CA LYS A 156 -6.00 3.78 -16.30
C LYS A 156 -6.72 4.74 -15.35
N ALA A 157 -6.37 6.03 -15.41
CA ALA A 157 -7.04 7.03 -14.58
C ALA A 157 -8.44 7.25 -15.16
N PRO A 158 -9.38 7.78 -14.34
CA PRO A 158 -9.25 8.20 -12.95
C PRO A 158 -9.44 7.05 -11.95
N TYR A 159 -8.95 7.25 -10.74
CA TYR A 159 -9.02 6.24 -9.69
C TYR A 159 -9.93 6.58 -8.52
N ASP A 160 -10.51 5.56 -7.91
CA ASP A 160 -11.36 5.76 -6.74
C ASP A 160 -10.48 6.12 -5.55
N VAL A 161 -9.34 5.44 -5.46
CA VAL A 161 -8.39 5.68 -4.38
C VAL A 161 -6.98 5.48 -4.90
N ILE A 162 -6.06 6.30 -4.41
CA ILE A 162 -4.65 6.19 -4.76
C ILE A 162 -3.95 6.06 -3.42
N ILE A 163 -3.24 4.95 -3.24
CA ILE A 163 -2.53 4.70 -1.99
C ILE A 163 -1.04 4.79 -2.26
N VAL A 164 -0.37 5.73 -1.60
CA VAL A 164 1.06 5.96 -1.79
C VAL A 164 1.80 5.43 -0.56
N THR A 165 2.77 4.54 -0.79
CA THR A 165 3.51 3.91 0.31
C THR A 165 4.93 4.40 0.47
N ALA A 166 5.20 5.60 -0.02
CA ALA A 166 6.51 6.22 0.09
C ALA A 166 6.24 7.69 0.42
N GLY A 167 7.09 8.29 1.26
CA GLY A 167 6.89 9.66 1.68
C GLY A 167 7.29 10.75 0.69
N ALA A 168 6.39 11.72 0.50
CA ALA A 168 6.63 12.82 -0.43
C ALA A 168 6.83 14.13 0.32
N PRO A 169 7.43 15.13 -0.35
CA PRO A 169 7.67 16.43 0.27
C PRO A 169 6.42 17.30 0.17
N LYS A 170 5.49 16.87 -0.68
CA LYS A 170 4.23 17.59 -0.90
C LYS A 170 3.21 16.66 -1.56
N ILE A 171 2.02 17.16 -1.82
CA ILE A 171 0.98 16.36 -2.46
C ILE A 171 1.18 16.49 -3.97
N PRO A 172 1.57 15.38 -4.64
CA PRO A 172 1.80 15.41 -6.09
C PRO A 172 0.54 15.75 -6.87
N GLU A 173 0.61 16.82 -7.66
CA GLU A 173 -0.52 17.26 -8.46
C GLU A 173 -1.09 16.16 -9.36
N PRO A 174 -0.22 15.40 -10.05
CA PRO A 174 -0.75 14.34 -10.93
C PRO A 174 -1.68 13.36 -10.22
N LEU A 175 -1.39 13.06 -8.96
CA LEU A 175 -2.22 12.14 -8.21
C LEU A 175 -3.59 12.74 -7.92
N ILE A 176 -3.65 14.07 -7.77
CA ILE A 176 -4.91 14.75 -7.52
C ILE A 176 -5.71 14.78 -8.82
N GLU A 177 -5.03 15.07 -9.93
CA GLU A 177 -5.67 15.12 -11.24
C GLU A 177 -6.29 13.79 -11.62
N GLN A 178 -5.64 12.71 -11.22
CA GLN A 178 -6.12 11.37 -11.56
C GLN A 178 -7.14 10.75 -10.63
N LEU A 179 -7.60 11.51 -9.64
CA LEU A 179 -8.61 11.00 -8.72
C LEU A 179 -10.01 11.32 -9.21
N LYS A 180 -10.94 10.39 -8.98
CA LYS A 180 -12.34 10.62 -9.36
C LYS A 180 -12.87 11.56 -8.29
N ILE A 181 -13.90 12.32 -8.63
CA ILE A 181 -14.50 13.22 -7.65
C ILE A 181 -15.12 12.30 -6.59
N GLY A 182 -14.86 12.62 -5.32
CA GLY A 182 -15.37 11.78 -4.25
C GLY A 182 -14.33 10.73 -3.90
N GLY A 183 -13.23 10.74 -4.63
CA GLY A 183 -12.16 9.78 -4.37
C GLY A 183 -11.18 10.30 -3.35
N LYS A 184 -10.20 9.50 -2.99
CA LYS A 184 -9.22 9.97 -2.02
C LYS A 184 -7.82 9.46 -2.28
N LEU A 185 -6.86 10.26 -1.83
CA LEU A 185 -5.45 9.96 -1.97
C LEU A 185 -4.89 9.82 -0.55
N ILE A 186 -4.29 8.67 -0.27
CA ILE A 186 -3.71 8.40 1.04
C ILE A 186 -2.21 8.47 0.82
N ILE A 187 -1.54 9.42 1.47
CA ILE A 187 -0.11 9.61 1.22
C ILE A 187 0.65 10.20 2.40
N PRO A 188 1.91 9.76 2.60
CA PRO A 188 2.71 10.31 3.71
C PRO A 188 3.37 11.56 3.14
N VAL A 189 3.25 12.68 3.85
CA VAL A 189 3.85 13.93 3.40
C VAL A 189 4.65 14.54 4.54
N GLY A 190 5.87 14.95 4.25
CA GLY A 190 6.69 15.54 5.28
C GLY A 190 7.89 16.25 4.69
N SER A 191 8.50 17.15 5.46
CA SER A 191 9.65 17.89 4.96
C SER A 191 10.94 17.11 5.14
N TYR A 192 10.81 15.89 5.70
CA TYR A 192 11.95 14.99 5.87
C TYR A 192 11.76 13.84 4.91
N HIS A 193 12.85 13.30 4.38
CA HIS A 193 12.78 12.18 3.46
C HIS A 193 12.26 10.91 4.12
N LEU A 194 12.50 10.77 5.42
CA LEU A 194 12.12 9.56 6.14
C LEU A 194 11.08 9.66 7.26
N TRP A 195 10.67 10.87 7.60
CA TRP A 195 9.71 11.05 8.68
C TRP A 195 8.58 11.93 8.15
N GLN A 196 7.35 11.41 8.17
CA GLN A 196 6.21 12.13 7.61
C GLN A 196 4.92 12.14 8.45
N GLU A 197 3.89 12.75 7.87
CA GLU A 197 2.55 12.84 8.45
C GLU A 197 1.66 12.09 7.46
N LEU A 198 0.85 11.16 7.94
CA LEU A 198 -0.04 10.40 7.06
C LEU A 198 -1.27 11.25 6.74
N LEU A 199 -1.41 11.62 5.46
CA LEU A 199 -2.54 12.43 5.04
C LEU A 199 -3.60 11.68 4.26
N GLU A 200 -4.86 12.02 4.52
CA GLU A 200 -5.99 11.46 3.79
C GLU A 200 -6.50 12.68 3.03
N VAL A 201 -6.21 12.71 1.74
CA VAL A 201 -6.61 13.82 0.88
C VAL A 201 -7.85 13.47 0.06
N ARG A 202 -8.99 14.05 0.45
CA ARG A 202 -10.25 13.79 -0.24
C ARG A 202 -10.52 14.84 -1.31
N LYS A 203 -10.78 14.38 -2.52
CA LYS A 203 -11.08 15.27 -3.62
C LYS A 203 -12.61 15.34 -3.69
N THR A 204 -13.18 16.26 -2.93
CA THR A 204 -14.63 16.40 -2.87
C THR A 204 -15.19 17.43 -3.83
N LYS A 205 -16.51 17.36 -4.04
CA LYS A 205 -17.20 18.29 -4.91
C LYS A 205 -16.97 19.72 -4.44
N ASP A 206 -16.64 19.85 -3.15
CA ASP A 206 -16.40 21.16 -2.56
C ASP A 206 -14.91 21.48 -2.36
N GLY A 207 -14.06 20.75 -3.07
CA GLY A 207 -12.63 20.99 -2.97
C GLY A 207 -11.86 19.95 -2.20
N ILE A 208 -10.57 20.20 -2.04
CA ILE A 208 -9.67 19.30 -1.31
C ILE A 208 -9.88 19.41 0.19
N LYS A 209 -10.16 18.28 0.82
CA LYS A 209 -10.35 18.22 2.27
C LYS A 209 -9.27 17.28 2.78
N ILE A 210 -8.54 17.69 3.80
CA ILE A 210 -7.46 16.86 4.32
C ILE A 210 -7.57 16.50 5.79
N LYS A 211 -7.36 15.22 6.08
CA LYS A 211 -7.38 14.73 7.45
C LYS A 211 -6.00 14.19 7.74
N ASN A 212 -5.37 14.70 8.80
CA ASN A 212 -4.03 14.26 9.18
C ASN A 212 -4.18 13.09 10.14
N HIS A 213 -3.53 11.98 9.81
CA HIS A 213 -3.61 10.77 10.61
C HIS A 213 -2.39 10.46 11.47
N GLY A 214 -1.57 11.46 11.75
CA GLY A 214 -0.41 11.25 12.59
C GLY A 214 0.91 10.97 11.91
N GLY A 215 1.97 10.96 12.72
CA GLY A 215 3.30 10.71 12.20
C GLY A 215 3.53 9.28 11.77
N VAL A 216 4.36 9.12 10.74
CA VAL A 216 4.69 7.81 10.21
C VAL A 216 6.13 7.86 9.71
N ALA A 217 6.66 6.70 9.33
CA ALA A 217 8.02 6.62 8.82
C ALA A 217 8.06 5.71 7.59
N PHE A 218 8.16 6.32 6.42
CA PHE A 218 8.23 5.58 5.16
C PHE A 218 9.47 5.96 4.39
N VAL A 219 9.90 5.09 3.47
CA VAL A 219 11.04 5.41 2.62
C VAL A 219 10.54 6.56 1.75
N PRO A 220 11.45 7.34 1.18
CA PRO A 220 11.02 8.46 0.33
C PRO A 220 10.48 8.12 -1.05
N LEU A 221 9.52 8.94 -1.49
CA LEU A 221 8.94 8.83 -2.81
C LEU A 221 9.90 9.65 -3.68
N ILE A 222 10.65 8.97 -4.54
CA ILE A 222 11.62 9.64 -5.40
C ILE A 222 11.10 9.75 -6.83
N GLY A 223 10.99 10.98 -7.31
CA GLY A 223 10.49 11.18 -8.66
C GLY A 223 10.28 12.63 -9.02
N GLU A 224 9.73 12.86 -10.21
CA GLU A 224 9.48 14.21 -10.71
C GLU A 224 8.60 15.03 -9.76
N TYR A 225 7.61 14.40 -9.16
CA TYR A 225 6.72 15.10 -8.24
C TYR A 225 6.91 14.65 -6.80
N GLY A 226 8.07 14.05 -6.54
CA GLY A 226 8.41 13.60 -5.20
C GLY A 226 9.75 14.22 -4.86
N TRP A 227 10.62 13.45 -4.20
CA TRP A 227 11.95 13.94 -3.85
C TRP A 227 12.89 13.75 -5.02
N LYS A 228 13.85 14.66 -5.18
CA LYS A 228 14.81 14.53 -6.27
C LYS A 228 15.73 13.35 -6.00
NA NA B . 3.58 -3.93 0.23
O5' ADN C . 6.59 0.63 -0.76
C5' ADN C . 7.58 1.61 -0.99
C4' ADN C . 8.26 1.48 -2.41
O4' ADN C . 8.16 2.83 -2.88
C3' ADN C . 9.73 1.21 -2.48
O3' ADN C . 9.93 -0.08 -2.93
C2' ADN C . 10.25 2.35 -3.42
O2' ADN C . 11.26 1.89 -4.30
C1' ADN C . 9.04 2.83 -4.06
N9 ADN C . 9.11 4.09 -4.63
C8 ADN C . 9.76 5.22 -4.31
N7 ADN C . 9.57 6.24 -5.13
C5 ADN C . 8.69 5.72 -6.10
C6 ADN C . 8.09 6.30 -7.26
N6 ADN C . 8.30 7.56 -7.66
N1 ADN C . 7.25 5.49 -8.00
C2 ADN C . 7.02 4.20 -7.63
N3 ADN C . 7.54 3.54 -6.56
C4 ADN C . 8.37 4.37 -5.82
#